data_6GU6
#
_entry.id   6GU6
#
_cell.length_a   93.704
_cell.length_b   97.232
_cell.length_c   108.564
_cell.angle_alpha   90.00
_cell.angle_beta   90.00
_cell.angle_gamma   90.00
#
_symmetry.space_group_name_H-M   'I 2 2 2'
#
loop_
_entity.id
_entity.type
_entity.pdbx_description
1 polymer 'Cyclin-dependent kinase 1'
2 polymer 'Cyclin-dependent kinases regulatory subunit 2'
3 non-polymer 3-[({3-ethyl-5-[(2S)-2-(2-hydroxyethyl)piperidin-1-yl]pyrazolo[1,5-a]pyrimidin-7-yl}amino)methyl]-1-hydroxypyridinium
4 water water
#
loop_
_entity_poly.entity_id
_entity_poly.type
_entity_poly.pdbx_seq_one_letter_code
_entity_poly.pdbx_strand_id
1 'polypeptide(L)'
;GPLGSMEDYTKIEKIGEGTYGVVYKGRHKTTGQVVAMKKIRLESEEEGVPSTAIREISLLKELRHPNIVSLQDVLMQDSR
LYLIFEFLSMDLKKYLDSIPPGQYMDSSLVKSYLYQILQGIVFCHSRRVLHRDLKPQNLLIDDKGTIKLADFGLARAFGI
PIRVYTHEVVTLWYRSPEVLLGSARYSTPVDIWSIGTIFAELATKKPLFHGDSEIDQLFRIFRALGTPNNEVWPEVESLQ
DYKNTFPKWKPGSLASHVKNLDENGLDLLSKMLIYDPAKRISGKMALNHPYFNDLDNQIKKM
;
A
2 'polypeptide(L)'
;GPLGSMAHKQIYYSDKYFDEHYEYRHVMLPRELSKQVPKTHLMSEEEWRRLGVQQSLGWVHYMIHEPEPHILLFRRPLPK
DQQK
;
B
#
# COMPACT_ATOMS: atom_id res chain seq x y z
N MET A 6 -9.66 29.28 8.10
CA MET A 6 -9.35 30.61 7.55
C MET A 6 -10.63 31.19 6.97
N GLU A 7 -10.82 32.47 7.21
CA GLU A 7 -11.92 33.22 6.61
C GLU A 7 -11.81 33.38 5.10
N ASP A 8 -10.68 32.99 4.48
CA ASP A 8 -10.52 33.15 3.02
C ASP A 8 -11.13 31.99 2.22
N TYR A 9 -11.79 31.02 2.87
CA TYR A 9 -12.40 29.88 2.18
C TYR A 9 -13.76 29.52 2.73
N THR A 10 -14.59 28.93 1.88
CA THR A 10 -15.88 28.43 2.28
C THR A 10 -15.95 26.95 1.94
N LYS A 11 -16.20 26.11 2.95
CA LYS A 11 -16.39 24.67 2.73
C LYS A 11 -17.74 24.40 2.07
N ILE A 12 -17.71 23.84 0.88
CA ILE A 12 -18.88 23.47 0.15
C ILE A 12 -19.41 22.18 0.71
N GLU A 13 -18.59 21.13 0.67
CA GLU A 13 -19.06 19.79 1.02
C GLU A 13 -17.90 18.85 1.27
N LYS A 14 -18.22 17.69 1.86
CA LYS A 14 -17.25 16.68 2.25
C LYS A 14 -17.08 15.78 1.05
N ILE A 15 -15.84 15.45 0.70
CA ILE A 15 -15.66 14.53 -0.46
C ILE A 15 -15.10 13.15 -0.15
N GLY A 16 -14.44 13.03 1.00
CA GLY A 16 -14.20 11.73 1.58
C GLY A 16 -13.29 11.76 2.77
N GLU A 17 -12.96 10.55 3.20
CA GLU A 17 -12.09 10.35 4.33
C GLU A 17 -10.90 9.64 3.74
N GLY A 18 -9.72 10.16 4.04
CA GLY A 18 -8.49 9.57 3.62
C GLY A 18 -7.67 9.26 4.84
N THR A 19 -6.38 9.00 4.60
CA THR A 19 -5.46 8.53 5.62
C THR A 19 -5.30 9.53 6.74
N TYR A 20 -5.45 10.80 6.40
CA TYR A 20 -5.17 11.91 7.30
C TYR A 20 -6.44 12.52 7.83
N GLY A 21 -7.57 12.06 7.34
CA GLY A 21 -8.84 12.50 7.80
C GLY A 21 -9.72 12.93 6.66
N VAL A 22 -10.59 13.88 6.97
CA VAL A 22 -11.65 14.33 6.09
C VAL A 22 -11.09 15.31 5.07
N VAL A 23 -11.61 15.25 3.86
CA VAL A 23 -11.26 16.19 2.84
C VAL A 23 -12.51 16.88 2.37
N TYR A 24 -12.48 18.19 2.31
CA TYR A 24 -13.62 18.95 1.83
C TYR A 24 -13.39 19.57 0.47
N LYS A 25 -14.47 19.68 -0.32
CA LYS A 25 -14.52 20.60 -1.45
C LYS A 25 -14.79 21.93 -0.84
N GLY A 26 -14.15 22.96 -1.40
CA GLY A 26 -14.05 24.29 -0.83
C GLY A 26 -13.92 25.33 -1.94
N ARG A 27 -14.10 26.59 -1.58
CA ARG A 27 -14.00 27.65 -2.59
C ARG A 27 -13.26 28.78 -1.98
N HIS A 28 -12.25 29.24 -2.71
CA HIS A 28 -11.51 30.42 -2.34
C HIS A 28 -12.40 31.66 -2.61
N LYS A 29 -12.57 32.49 -1.59
CA LYS A 29 -13.61 33.52 -1.62
C LYS A 29 -13.30 34.61 -2.65
N THR A 30 -12.08 35.15 -2.60
CA THR A 30 -11.55 36.10 -3.60
C THR A 30 -11.73 35.66 -5.06
N THR A 31 -11.16 34.49 -5.38
CA THR A 31 -10.89 34.08 -6.76
C THR A 31 -11.91 33.11 -7.35
N GLY A 32 -12.83 32.58 -6.55
CA GLY A 32 -13.72 31.49 -7.03
C GLY A 32 -12.99 30.21 -7.42
N GLN A 33 -11.76 30.08 -6.96
CA GLN A 33 -10.91 28.93 -7.20
C GLN A 33 -11.51 27.81 -6.31
N VAL A 34 -12.03 26.76 -6.97
CA VAL A 34 -12.46 25.56 -6.29
C VAL A 34 -11.24 24.79 -5.81
N VAL A 35 -11.23 24.45 -4.53
CA VAL A 35 -10.11 23.77 -3.92
C VAL A 35 -10.49 22.54 -3.16
N ALA A 36 -9.47 21.78 -2.79
CA ALA A 36 -9.63 20.64 -1.93
C ALA A 36 -9.00 20.99 -0.62
N MET A 37 -9.70 20.75 0.51
CA MET A 37 -9.21 21.18 1.82
C MET A 37 -9.13 19.95 2.69
N LYS A 38 -7.99 19.72 3.27
CA LYS A 38 -7.72 18.49 3.97
C LYS A 38 -7.47 18.83 5.40
N LYS A 39 -8.32 18.34 6.29
CA LYS A 39 -8.25 18.72 7.70
C LYS A 39 -7.36 17.74 8.40
N ILE A 40 -6.38 18.21 9.10
CA ILE A 40 -5.54 17.30 9.84
C ILE A 40 -5.52 17.73 11.30
N ARG A 41 -5.99 16.81 12.17
CA ARG A 41 -6.09 17.05 13.62
C ARG A 41 -4.70 16.94 14.19
N LEU A 42 -4.19 18.08 14.62
CA LEU A 42 -2.92 18.11 15.31
C LEU A 42 -3.14 17.84 16.76
N GLU A 43 -2.25 17.07 17.37
CA GLU A 43 -2.29 16.97 18.82
C GLU A 43 -1.89 18.33 19.36
N SER A 44 -2.48 18.71 20.49
CA SER A 44 -1.88 19.66 21.39
C SER A 44 -0.47 19.18 21.71
N GLU A 45 0.50 20.09 21.75
CA GLU A 45 1.90 19.69 21.93
C GLU A 45 2.54 20.19 23.21
N GLU A 46 3.50 19.42 23.69
CA GLU A 46 4.25 19.73 24.89
C GLU A 46 4.95 21.08 24.78
N GLU A 47 4.75 21.90 25.80
CA GLU A 47 5.47 23.16 25.96
C GLU A 47 6.97 22.86 25.90
N GLY A 48 7.68 23.76 25.17
CA GLY A 48 9.10 23.59 24.80
C GLY A 48 9.51 22.59 23.71
N VAL A 49 8.55 21.93 23.05
CA VAL A 49 8.83 20.77 22.16
C VAL A 49 8.04 20.83 20.85
N PRO A 50 8.48 21.65 19.89
CA PRO A 50 7.74 21.70 18.62
C PRO A 50 7.97 20.49 17.75
N SER A 51 6.95 20.22 16.94
CA SER A 51 7.00 19.19 15.94
C SER A 51 7.73 19.78 14.76
N THR A 52 8.29 18.89 13.96
CA THR A 52 8.91 19.23 12.71
C THR A 52 7.99 18.90 11.53
N ALA A 53 6.74 18.60 11.85
CA ALA A 53 5.71 18.54 10.85
C ALA A 53 5.66 19.80 10.01
N ILE A 54 5.52 20.95 10.64
CA ILE A 54 5.16 22.18 9.90
C ILE A 54 6.33 22.66 9.01
N ARG A 55 7.55 22.34 9.41
CA ARG A 55 8.73 22.61 8.60
C ARG A 55 8.82 21.66 7.38
N GLU A 56 8.55 20.37 7.59
CA GLU A 56 8.43 19.42 6.47
C GLU A 56 7.30 19.81 5.54
N ILE A 57 6.21 20.29 6.09
CA ILE A 57 5.16 20.84 5.27
C ILE A 57 5.61 22.02 4.40
N SER A 58 6.40 22.94 4.94
CA SER A 58 6.97 24.08 4.17
C SER A 58 7.69 23.64 2.91
N LEU A 59 8.48 22.59 3.04
CA LEU A 59 9.23 22.03 1.93
C LEU A 59 8.26 21.58 0.84
N LEU A 60 7.23 20.84 1.22
CA LEU A 60 6.32 20.24 0.27
C LEU A 60 5.53 21.27 -0.47
N LYS A 61 5.28 22.35 0.23
CA LYS A 61 4.52 23.45 -0.31
C LYS A 61 5.20 24.08 -1.50
N GLU A 62 6.53 23.99 -1.62
CA GLU A 62 7.26 24.49 -2.81
C GLU A 62 7.28 23.60 -4.08
N LEU A 63 7.04 22.31 -3.92
CA LEU A 63 7.13 21.35 -5.00
C LEU A 63 6.03 21.56 -6.00
N ARG A 64 6.39 21.69 -7.28
CA ARG A 64 5.42 21.86 -8.35
C ARG A 64 5.83 20.94 -9.50
N HIS A 65 4.89 20.14 -9.99
CA HIS A 65 5.21 19.22 -11.04
C HIS A 65 3.87 18.82 -11.59
N PRO A 66 3.77 18.61 -12.89
CA PRO A 66 2.45 18.31 -13.45
C PRO A 66 1.76 17.05 -12.91
N ASN A 67 2.52 16.10 -12.42
CA ASN A 67 1.96 14.88 -11.94
C ASN A 67 1.93 14.80 -10.46
N ILE A 68 2.13 15.91 -9.73
CA ILE A 68 1.80 15.88 -8.33
C ILE A 68 0.74 16.92 -8.04
N VAL A 69 -0.11 16.60 -7.10
CA VAL A 69 -1.12 17.55 -6.63
C VAL A 69 -0.43 18.66 -5.83
N SER A 70 -0.50 19.89 -6.31
CA SER A 70 0.17 21.02 -5.67
C SER A 70 -0.48 21.37 -4.34
N LEU A 71 0.31 21.48 -3.31
CA LEU A 71 -0.16 22.01 -2.06
C LEU A 71 -0.09 23.54 -2.22
N GLN A 72 -1.25 24.16 -2.42
CA GLN A 72 -1.32 25.62 -2.62
C GLN A 72 -1.21 26.45 -1.35
N ASP A 73 -1.71 25.96 -0.21
CA ASP A 73 -1.66 26.71 1.05
C ASP A 73 -1.81 25.83 2.29
N VAL A 74 -1.35 26.36 3.41
CA VAL A 74 -1.42 25.72 4.70
C VAL A 74 -2.03 26.71 5.72
N LEU A 75 -3.22 26.42 6.22
CA LEU A 75 -3.89 27.23 7.23
C LEU A 75 -3.73 26.62 8.59
N MET A 76 -3.05 27.32 9.48
CA MET A 76 -2.95 26.91 10.88
C MET A 76 -4.06 27.48 11.77
N GLN A 77 -4.49 26.65 12.71
CA GLN A 77 -5.13 27.04 13.95
C GLN A 77 -4.30 26.44 15.08
N ASP A 78 -4.71 26.61 16.32
CA ASP A 78 -4.11 25.80 17.41
C ASP A 78 -4.49 24.37 17.08
N SER A 79 -3.71 23.38 17.43
CA SER A 79 -4.17 21.97 17.32
C SER A 79 -5.05 21.53 16.08
N ARG A 80 -4.88 22.22 14.96
CA ARG A 80 -5.62 21.93 13.75
C ARG A 80 -4.83 22.47 12.56
N LEU A 81 -5.05 21.90 11.38
CA LEU A 81 -4.31 22.37 10.21
C LEU A 81 -5.13 21.99 8.99
N TYR A 82 -5.34 22.94 8.07
CA TYR A 82 -5.93 22.66 6.75
C TYR A 82 -4.82 22.74 5.70
N LEU A 83 -4.84 21.80 4.77
CA LEU A 83 -3.93 21.81 3.66
C LEU A 83 -4.78 22.04 2.49
N ILE A 84 -4.44 22.99 1.65
CA ILE A 84 -5.29 23.36 0.54
C ILE A 84 -4.58 22.91 -0.70
N PHE A 85 -5.31 22.26 -1.58
CA PHE A 85 -4.81 21.71 -2.83
C PHE A 85 -5.73 22.13 -3.95
N GLU A 86 -5.19 22.05 -5.16
CA GLU A 86 -5.99 22.00 -6.36
C GLU A 86 -7.00 20.88 -6.23
N PHE A 87 -8.19 21.10 -6.80
CA PHE A 87 -9.28 20.14 -6.78
C PHE A 87 -9.20 19.29 -8.03
N LEU A 88 -9.68 18.04 -7.97
CA LEU A 88 -9.68 17.17 -9.13
C LEU A 88 -10.93 16.32 -9.25
N SER A 89 -11.40 16.13 -10.47
CA SER A 89 -12.73 15.52 -10.69
C SER A 89 -12.90 14.10 -10.10
N MET A 90 -11.89 13.25 -10.19
CA MET A 90 -12.05 11.86 -9.80
C MET A 90 -10.80 11.29 -9.15
N ASP A 91 -10.94 10.21 -8.38
CA ASP A 91 -9.80 9.38 -7.95
C ASP A 91 -9.80 8.05 -8.65
N LEU A 92 -8.63 7.42 -8.69
CA LEU A 92 -8.42 6.25 -9.50
C LEU A 92 -9.15 5.05 -8.97
N LYS A 93 -9.30 4.93 -7.65
CA LYS A 93 -10.10 3.83 -7.04
C LYS A 93 -11.49 3.84 -7.63
N LYS A 94 -12.15 4.97 -7.46
CA LYS A 94 -13.53 5.22 -7.89
C LYS A 94 -13.70 5.10 -9.38
N TYR A 95 -12.70 5.47 -10.15
CA TYR A 95 -12.78 5.33 -11.60
C TYR A 95 -12.75 3.87 -12.03
N LEU A 96 -11.96 3.03 -11.35
CA LEU A 96 -11.84 1.62 -11.73
C LEU A 96 -13.12 0.89 -11.38
N ASP A 97 -13.69 1.18 -10.22
CA ASP A 97 -15.04 0.74 -9.88
C ASP A 97 -16.09 1.07 -10.93
N SER A 98 -16.06 2.29 -11.46
CA SER A 98 -16.99 2.71 -12.50
C SER A 98 -16.83 2.05 -13.89
N ILE A 99 -15.77 1.31 -14.17
CA ILE A 99 -15.67 0.62 -15.48
C ILE A 99 -16.58 -0.62 -15.39
N PRO A 100 -17.45 -0.83 -16.39
CA PRO A 100 -18.39 -1.96 -16.26
C PRO A 100 -17.69 -3.32 -16.35
N PRO A 101 -18.17 -4.33 -15.62
CA PRO A 101 -17.58 -5.69 -15.75
C PRO A 101 -17.59 -6.23 -17.19
N GLY A 102 -16.47 -6.79 -17.61
CA GLY A 102 -16.26 -7.19 -19.00
C GLY A 102 -15.45 -6.17 -19.79
N GLN A 103 -15.53 -4.89 -19.41
CA GLN A 103 -14.63 -3.87 -19.98
C GLN A 103 -13.37 -3.79 -19.13
N TYR A 104 -12.26 -3.53 -19.80
CA TYR A 104 -11.01 -3.18 -19.13
C TYR A 104 -10.63 -1.78 -19.50
N MET A 105 -9.52 -1.33 -18.96
CA MET A 105 -8.97 -0.08 -19.32
C MET A 105 -8.17 -0.30 -20.61
N ASP A 106 -8.35 0.62 -21.54
CA ASP A 106 -7.62 0.63 -22.75
C ASP A 106 -6.15 0.55 -22.38
N SER A 107 -5.41 -0.36 -23.01
CA SER A 107 -4.00 -0.56 -22.65
C SER A 107 -3.06 0.64 -22.92
N SER A 108 -3.49 1.60 -23.71
CA SER A 108 -2.69 2.77 -23.95
C SER A 108 -2.93 3.82 -22.85
N LEU A 109 -4.08 3.80 -22.17
CA LEU A 109 -4.30 4.67 -21.02
C LEU A 109 -3.61 4.13 -19.75
N VAL A 110 -3.44 2.83 -19.70
CA VAL A 110 -2.69 2.19 -18.67
C VAL A 110 -1.27 2.68 -18.75
N LYS A 111 -0.75 2.63 -19.96
CA LYS A 111 0.60 3.00 -20.24
C LYS A 111 0.80 4.47 -19.93
N SER A 112 -0.12 5.29 -20.38
CA SER A 112 -0.03 6.69 -20.13
C SER A 112 -0.06 6.97 -18.61
N TYR A 113 -0.91 6.27 -17.90
CA TYR A 113 -1.05 6.55 -16.49
C TYR A 113 0.16 6.09 -15.72
N LEU A 114 0.65 4.94 -16.04
CA LEU A 114 1.85 4.48 -15.40
C LEU A 114 3.03 5.44 -15.61
N TYR A 115 3.07 6.01 -16.79
CA TYR A 115 4.16 6.83 -17.17
C TYR A 115 4.18 8.08 -16.33
N GLN A 116 3.03 8.71 -16.24
CA GLN A 116 2.85 9.89 -15.49
C GLN A 116 3.07 9.69 -13.98
N ILE A 117 2.60 8.56 -13.46
CA ILE A 117 2.82 8.14 -12.12
C ILE A 117 4.32 8.06 -11.86
N LEU A 118 5.05 7.52 -12.82
CA LEU A 118 6.51 7.46 -12.63
C LEU A 118 7.18 8.79 -12.71
N GLN A 119 6.71 9.67 -13.57
CA GLN A 119 7.23 11.00 -13.61
C GLN A 119 7.07 11.73 -12.27
N GLY A 120 5.90 11.62 -11.65
CA GLY A 120 5.66 12.20 -10.35
C GLY A 120 6.58 11.65 -9.30
N ILE A 121 6.78 10.34 -9.31
CA ILE A 121 7.56 9.74 -8.27
C ILE A 121 9.03 10.02 -8.39
N VAL A 122 9.50 10.02 -9.63
CA VAL A 122 10.90 10.35 -9.94
C VAL A 122 11.18 11.78 -9.50
N PHE A 123 10.26 12.68 -9.75
CA PHE A 123 10.41 14.06 -9.32
C PHE A 123 10.54 14.15 -7.76
N CYS A 124 9.73 13.38 -7.05
CA CYS A 124 9.78 13.35 -5.60
C CYS A 124 11.04 12.68 -5.07
N HIS A 125 11.31 11.50 -5.59
CA HIS A 125 12.53 10.81 -5.23
C HIS A 125 13.82 11.63 -5.43
N SER A 126 13.89 12.42 -6.50
CA SER A 126 15.06 13.25 -6.73
C SER A 126 15.23 14.39 -5.69
N ARG A 127 14.18 14.61 -4.91
CA ARG A 127 14.21 15.60 -3.84
C ARG A 127 14.13 14.90 -2.48
N ARG A 128 14.38 13.59 -2.49
CA ARG A 128 14.34 12.80 -1.28
C ARG A 128 13.01 12.96 -0.55
N VAL A 129 11.91 12.89 -1.29
CA VAL A 129 10.57 12.86 -0.74
C VAL A 129 10.00 11.52 -1.17
N LEU A 130 9.52 10.76 -0.20
CA LEU A 130 8.90 9.47 -0.44
C LEU A 130 7.43 9.65 -0.18
N HIS A 131 6.64 8.76 -0.73
CA HIS A 131 5.25 8.72 -0.44
C HIS A 131 4.98 7.70 0.69
N ARG A 132 5.33 6.44 0.40
CA ARG A 132 5.22 5.31 1.29
C ARG A 132 3.85 4.62 1.37
N ASP A 133 2.77 5.31 1.02
CA ASP A 133 1.43 4.73 1.07
C ASP A 133 0.59 5.04 -0.20
N LEU A 134 1.24 4.87 -1.32
CA LEU A 134 0.65 5.05 -2.64
C LEU A 134 -0.42 4.01 -2.88
N LYS A 135 -1.54 4.43 -3.45
CA LYS A 135 -2.66 3.55 -3.68
C LYS A 135 -3.59 4.26 -4.59
N PRO A 136 -4.51 3.55 -5.24
CA PRO A 136 -5.44 4.20 -6.16
C PRO A 136 -6.26 5.35 -5.55
N GLN A 137 -6.61 5.23 -4.28
CA GLN A 137 -7.33 6.33 -3.64
C GLN A 137 -6.54 7.66 -3.67
N ASN A 138 -5.22 7.54 -3.61
CA ASN A 138 -4.25 8.64 -3.67
C ASN A 138 -3.81 9.13 -4.99
N LEU A 139 -4.34 8.58 -6.07
CA LEU A 139 -4.02 9.02 -7.39
C LEU A 139 -5.26 9.65 -8.00
N LEU A 140 -5.17 10.88 -8.48
CA LEU A 140 -6.33 11.66 -8.85
C LEU A 140 -6.24 12.02 -10.31
N ILE A 141 -7.37 11.99 -11.01
CA ILE A 141 -7.39 12.24 -12.46
C ILE A 141 -8.23 13.45 -12.76
N ASP A 142 -7.84 14.20 -13.78
CA ASP A 142 -8.76 15.14 -14.45
C ASP A 142 -9.31 14.50 -15.72
N ASP A 143 -10.39 15.07 -16.25
CA ASP A 143 -11.08 14.50 -17.43
C ASP A 143 -10.26 14.54 -18.76
N LYS A 144 -9.11 15.24 -18.79
CA LYS A 144 -8.22 15.36 -19.96
C LYS A 144 -7.08 14.30 -20.13
N GLY A 145 -6.92 13.35 -19.21
CA GLY A 145 -5.86 12.33 -19.31
C GLY A 145 -4.71 12.47 -18.31
N THR A 146 -4.70 13.53 -17.53
CA THR A 146 -3.68 13.76 -16.52
C THR A 146 -3.99 13.00 -15.26
N ILE A 147 -2.96 12.39 -14.69
CA ILE A 147 -3.06 11.72 -13.42
C ILE A 147 -2.01 12.35 -12.48
N LYS A 148 -2.36 12.51 -11.21
CA LYS A 148 -1.50 13.18 -10.22
C LYS A 148 -1.35 12.40 -8.90
N LEU A 149 -0.19 12.44 -8.27
CA LEU A 149 -0.03 11.91 -6.91
C LEU A 149 -0.48 12.88 -5.81
N ALA A 150 -1.20 12.36 -4.83
CA ALA A 150 -1.60 13.10 -3.65
C ALA A 150 -0.95 12.45 -2.45
N ASP A 151 -0.67 13.25 -1.42
CA ASP A 151 -0.19 12.85 -0.09
C ASP A 151 1.28 12.49 -0.06
N PHE A 152 2.00 12.93 -1.09
CA PHE A 152 3.46 12.76 -1.12
C PHE A 152 4.08 13.54 0.07
N GLY A 153 5.05 12.93 0.74
CA GLY A 153 5.83 13.56 1.79
C GLY A 153 5.16 13.64 3.18
N LEU A 154 3.86 13.36 3.28
CA LEU A 154 3.16 13.62 4.52
C LEU A 154 3.45 12.60 5.56
N ALA A 155 3.82 11.38 5.14
CA ALA A 155 4.14 10.33 6.09
C ALA A 155 5.36 10.68 6.88
N ARG A 156 6.32 11.36 6.27
CA ARG A 156 7.51 11.80 6.98
C ARG A 156 7.10 12.98 7.85
N ALA A 157 6.32 13.88 7.27
CA ALA A 157 5.81 15.06 7.94
C ALA A 157 5.06 14.77 9.26
N PHE A 158 4.11 13.86 9.22
CA PHE A 158 3.40 13.42 10.43
C PHE A 158 3.93 12.03 10.69
N GLY A 159 3.13 11.11 11.21
CA GLY A 159 3.51 9.67 11.18
C GLY A 159 4.56 9.40 12.23
N ILE A 160 4.48 8.28 12.96
CA ILE A 160 5.29 8.05 14.22
C ILE A 160 6.04 6.70 14.26
N PRO A 161 7.10 6.52 15.14
CA PRO A 161 7.67 5.14 15.20
C PRO A 161 6.87 4.12 16.04
N ILE A 162 5.71 4.54 16.56
CA ILE A 162 4.66 3.79 17.31
C ILE A 162 5.18 2.96 18.48
N THR A 166 -8.32 0.99 13.27
CA THR A 166 -7.47 0.95 12.08
C THR A 166 -8.28 0.56 10.80
N HIS A 167 -8.47 -0.75 10.57
CA HIS A 167 -9.25 -1.31 9.44
C HIS A 167 -8.94 -0.70 8.06
N GLU A 168 -7.66 -0.76 7.73
CA GLU A 168 -7.17 -0.26 6.45
C GLU A 168 -6.59 -1.42 5.60
N VAL A 169 -7.26 -2.60 5.65
CA VAL A 169 -6.90 -3.74 4.77
C VAL A 169 -6.45 -3.22 3.39
N VAL A 170 -7.31 -2.37 2.79
CA VAL A 170 -7.04 -1.63 1.53
C VAL A 170 -5.61 -1.06 1.46
N THR A 171 -5.14 -0.53 2.56
CA THR A 171 -3.82 0.05 2.55
C THR A 171 -2.74 -1.05 2.42
N LEU A 172 -3.00 -2.25 2.98
CA LEU A 172 -1.99 -3.36 2.90
C LEU A 172 -1.64 -3.89 1.54
N TRP A 173 -2.53 -3.71 0.58
CA TRP A 173 -2.34 -4.37 -0.72
C TRP A 173 -1.15 -3.83 -1.53
N TYR A 174 -0.70 -2.61 -1.24
CA TYR A 174 0.35 -1.95 -1.98
C TYR A 174 1.69 -1.89 -1.19
N ARG A 175 1.74 -2.65 -0.12
CA ARG A 175 2.84 -2.58 0.82
C ARG A 175 3.97 -3.54 0.43
N SER A 176 5.22 -3.13 0.66
CA SER A 176 6.40 -3.82 0.23
C SER A 176 6.79 -4.90 1.20
N PRO A 177 7.44 -5.94 0.71
CA PRO A 177 7.89 -7.00 1.61
C PRO A 177 8.95 -6.63 2.61
N GLU A 178 9.75 -5.60 2.30
CA GLU A 178 10.78 -5.14 3.21
C GLU A 178 10.12 -4.51 4.44
N VAL A 179 8.95 -3.90 4.25
CA VAL A 179 8.25 -3.29 5.35
C VAL A 179 7.54 -4.40 6.12
N LEU A 180 6.86 -5.28 5.41
CA LEU A 180 6.07 -6.32 6.06
C LEU A 180 6.89 -7.35 6.86
N LEU A 181 8.12 -7.56 6.44
CA LEU A 181 9.01 -8.45 7.16
C LEU A 181 9.80 -7.75 8.28
N GLY A 182 9.61 -6.44 8.42
CA GLY A 182 10.06 -5.71 9.60
C GLY A 182 11.50 -5.32 9.54
N SER A 183 11.95 -5.04 8.33
CA SER A 183 13.25 -4.49 8.09
C SER A 183 13.39 -3.13 8.81
N ALA A 184 14.58 -2.80 9.29
CA ALA A 184 14.79 -1.60 10.14
C ALA A 184 14.60 -0.30 9.39
N ARG A 185 14.98 -0.32 8.11
CA ARG A 185 15.03 0.84 7.26
C ARG A 185 14.26 0.58 5.96
N TYR A 186 13.65 1.63 5.43
CA TYR A 186 13.15 1.55 4.08
C TYR A 186 13.53 2.79 3.35
N SER A 187 13.41 2.70 2.04
CA SER A 187 13.75 3.85 1.20
C SER A 187 12.84 3.96 -0.01
N THR A 188 13.33 4.61 -1.06
CA THR A 188 12.55 4.87 -2.27
C THR A 188 12.02 3.61 -2.91
N PRO A 189 12.69 2.46 -2.72
CA PRO A 189 12.13 1.30 -3.43
C PRO A 189 10.75 0.91 -3.01
N VAL A 190 10.25 1.32 -1.82
CA VAL A 190 8.89 0.94 -1.39
C VAL A 190 7.81 1.56 -2.33
N ASP A 191 8.12 2.72 -2.89
CA ASP A 191 7.21 3.38 -3.79
C ASP A 191 7.16 2.68 -5.18
N ILE A 192 8.29 2.15 -5.62
CA ILE A 192 8.32 1.42 -6.89
C ILE A 192 7.53 0.13 -6.71
N TRP A 193 7.65 -0.53 -5.55
CA TRP A 193 6.83 -1.67 -5.31
C TRP A 193 5.35 -1.29 -5.44
N SER A 194 4.95 -0.26 -4.75
CA SER A 194 3.57 0.14 -4.80
C SER A 194 3.14 0.32 -6.20
N ILE A 195 4.01 0.94 -6.99
CA ILE A 195 3.67 1.28 -8.34
C ILE A 195 3.51 0.02 -9.19
N GLY A 196 4.33 -0.99 -8.92
CA GLY A 196 4.18 -2.29 -9.43
C GLY A 196 2.78 -2.84 -9.24
N THR A 197 2.32 -2.91 -7.99
CA THR A 197 1.03 -3.45 -7.68
C THR A 197 -0.11 -2.65 -8.33
N ILE A 198 0.07 -1.35 -8.42
CA ILE A 198 -0.93 -0.52 -9.03
C ILE A 198 -0.98 -0.71 -10.57
N PHE A 199 0.16 -0.92 -11.17
CA PHE A 199 0.26 -1.21 -12.59
C PHE A 199 -0.59 -2.44 -12.92
N ALA A 200 -0.37 -3.57 -12.23
CA ALA A 200 -1.24 -4.73 -12.35
C ALA A 200 -2.72 -4.40 -12.20
N GLU A 201 -3.06 -3.57 -11.22
CA GLU A 201 -4.46 -3.22 -11.03
C GLU A 201 -5.03 -2.33 -12.10
N LEU A 202 -4.22 -1.52 -12.75
CA LEU A 202 -4.67 -0.73 -13.92
C LEU A 202 -5.05 -1.69 -15.04
N ALA A 203 -4.21 -2.67 -15.26
CA ALA A 203 -4.40 -3.61 -16.35
C ALA A 203 -5.64 -4.50 -16.13
N THR A 204 -5.77 -5.04 -14.92
CA THR A 204 -6.75 -6.10 -14.62
C THR A 204 -7.99 -5.59 -13.94
N LYS A 205 -7.98 -4.34 -13.47
CA LYS A 205 -9.02 -3.81 -12.57
C LYS A 205 -9.07 -4.40 -11.17
N LYS A 206 -8.22 -5.35 -10.82
CA LYS A 206 -8.30 -5.81 -9.44
C LYS A 206 -6.94 -5.87 -8.75
N PRO A 207 -6.94 -5.85 -7.41
CA PRO A 207 -5.66 -5.87 -6.69
C PRO A 207 -4.82 -7.10 -7.01
N LEU A 208 -3.56 -6.89 -7.24
CA LEU A 208 -2.69 -8.01 -7.47
C LEU A 208 -2.51 -8.87 -6.23
N PHE A 209 -2.23 -8.25 -5.09
CA PHE A 209 -2.08 -8.94 -3.82
C PHE A 209 -3.15 -8.49 -2.84
N HIS A 210 -4.20 -9.25 -2.73
CA HIS A 210 -5.45 -8.85 -2.07
C HIS A 210 -5.43 -9.45 -0.63
N GLY A 211 -4.50 -9.00 0.21
CA GLY A 211 -4.38 -9.59 1.55
C GLY A 211 -5.42 -9.18 2.57
N ASP A 212 -5.73 -10.08 3.52
CA ASP A 212 -6.64 -9.80 4.63
C ASP A 212 -5.93 -9.37 5.91
N SER A 213 -4.60 -9.24 5.84
CA SER A 213 -3.72 -9.06 7.01
C SER A 213 -2.30 -9.04 6.47
N GLU A 214 -1.39 -8.65 7.32
CA GLU A 214 0.01 -8.54 6.97
C GLU A 214 0.61 -9.86 6.57
N ILE A 215 0.37 -10.88 7.37
CA ILE A 215 0.84 -12.22 7.06
C ILE A 215 0.21 -12.75 5.80
N ASP A 216 -1.07 -12.51 5.59
CA ASP A 216 -1.73 -13.00 4.41
C ASP A 216 -1.25 -12.28 3.15
N GLN A 217 -0.93 -10.99 3.31
CA GLN A 217 -0.36 -10.22 2.28
C GLN A 217 0.98 -10.79 1.89
N LEU A 218 1.83 -11.01 2.86
CA LEU A 218 3.09 -11.71 2.58
C LEU A 218 2.88 -13.02 1.89
N PHE A 219 1.90 -13.78 2.30
CA PHE A 219 1.66 -15.07 1.67
C PHE A 219 1.15 -14.92 0.25
N ARG A 220 0.24 -13.98 0.03
CA ARG A 220 -0.17 -13.70 -1.36
C ARG A 220 1.00 -13.28 -2.26
N ILE A 221 1.96 -12.51 -1.74
CA ILE A 221 3.13 -12.14 -2.55
C ILE A 221 4.05 -13.39 -2.85
N PHE A 222 4.30 -14.19 -1.84
CA PHE A 222 5.17 -15.37 -1.95
C PHE A 222 4.56 -16.33 -2.92
N ARG A 223 3.25 -16.44 -2.90
CA ARG A 223 2.63 -17.34 -3.83
C ARG A 223 2.94 -16.99 -5.30
N ALA A 224 2.96 -15.70 -5.63
CA ALA A 224 3.13 -15.22 -7.01
C ALA A 224 4.54 -15.04 -7.39
N LEU A 225 5.38 -14.66 -6.45
CA LEU A 225 6.76 -14.42 -6.76
C LEU A 225 7.70 -15.51 -6.29
N GLY A 226 7.21 -16.49 -5.52
CA GLY A 226 8.07 -17.48 -4.88
C GLY A 226 8.49 -17.03 -3.47
N THR A 227 8.65 -17.97 -2.55
CA THR A 227 9.02 -17.67 -1.20
C THR A 227 10.50 -17.37 -1.23
N PRO A 228 10.90 -16.19 -0.73
CA PRO A 228 12.29 -15.79 -0.88
C PRO A 228 13.15 -16.44 0.19
N ASN A 229 14.46 -16.34 -0.03
CA ASN A 229 15.53 -16.93 0.78
C ASN A 229 16.82 -16.16 0.42
N ASN A 230 17.93 -16.49 1.06
CA ASN A 230 19.16 -15.69 0.87
C ASN A 230 19.65 -15.66 -0.56
N GLU A 231 19.31 -16.68 -1.36
CA GLU A 231 19.81 -16.79 -2.73
C GLU A 231 19.20 -15.68 -3.54
N VAL A 232 17.87 -15.55 -3.48
CA VAL A 232 17.15 -14.53 -4.24
C VAL A 232 17.17 -13.13 -3.61
N TRP A 233 17.31 -13.06 -2.30
CA TRP A 233 17.26 -11.79 -1.60
C TRP A 233 18.24 -11.88 -0.49
N PRO A 234 19.44 -11.35 -0.70
CA PRO A 234 20.50 -11.51 0.26
C PRO A 234 20.17 -10.95 1.62
N GLU A 235 20.44 -11.75 2.64
CA GLU A 235 20.21 -11.43 4.05
C GLU A 235 18.76 -11.37 4.47
N VAL A 236 17.85 -11.81 3.62
CA VAL A 236 16.47 -11.85 3.99
C VAL A 236 16.22 -12.76 5.20
N GLU A 237 17.02 -13.84 5.34
CA GLU A 237 16.80 -14.82 6.40
C GLU A 237 17.15 -14.26 7.75
N SER A 238 17.84 -13.12 7.79
CA SER A 238 18.11 -12.38 9.06
C SER A 238 17.02 -11.36 9.47
N LEU A 239 16.06 -11.03 8.61
CA LEU A 239 15.04 -9.99 8.96
C LEU A 239 14.19 -10.55 10.07
N GLN A 240 13.70 -9.69 10.93
CA GLN A 240 13.20 -10.15 12.22
C GLN A 240 12.03 -11.15 12.10
N ASP A 241 11.10 -10.84 11.21
CA ASP A 241 9.92 -11.63 10.99
C ASP A 241 10.04 -12.63 9.81
N TYR A 242 11.25 -12.93 9.30
CA TYR A 242 11.44 -14.05 8.38
C TYR A 242 11.38 -15.33 9.23
N LYS A 243 10.59 -16.31 8.81
CA LYS A 243 10.59 -17.62 9.44
C LYS A 243 10.83 -18.62 8.35
N ASN A 244 11.55 -19.66 8.68
CA ASN A 244 11.81 -20.65 7.64
C ASN A 244 10.74 -21.75 7.61
N THR A 245 9.66 -21.56 8.36
CA THR A 245 8.38 -22.28 8.21
C THR A 245 7.30 -21.64 7.28
N PHE A 246 7.59 -20.55 6.59
CA PHE A 246 6.66 -20.01 5.58
C PHE A 246 6.41 -21.11 4.54
N PRO A 247 5.22 -21.10 3.91
CA PRO A 247 4.99 -21.97 2.76
C PRO A 247 6.00 -21.73 1.70
N LYS A 248 6.26 -22.79 0.95
CA LYS A 248 7.35 -22.83 0.02
C LYS A 248 6.79 -22.86 -1.37
N TRP A 249 6.72 -21.68 -1.97
CA TRP A 249 6.34 -21.58 -3.35
C TRP A 249 7.54 -21.25 -4.13
N LYS A 250 7.49 -21.56 -5.41
CA LYS A 250 8.61 -21.35 -6.29
C LYS A 250 8.34 -20.16 -7.13
N PRO A 251 9.42 -19.54 -7.63
CA PRO A 251 9.31 -18.37 -8.48
C PRO A 251 8.27 -18.55 -9.56
N GLY A 252 7.44 -17.53 -9.69
CA GLY A 252 6.12 -17.67 -10.22
C GLY A 252 6.02 -17.81 -11.71
N SER A 253 4.82 -17.80 -12.29
CA SER A 253 3.47 -17.66 -11.62
C SER A 253 2.89 -16.22 -11.68
N LEU A 254 3.73 -15.22 -11.93
CA LEU A 254 3.28 -13.84 -11.86
C LEU A 254 2.47 -13.44 -13.08
N ALA A 255 2.96 -13.80 -14.27
CA ALA A 255 2.16 -13.61 -15.49
C ALA A 255 0.71 -14.21 -15.43
N SER A 256 0.50 -15.30 -14.70
CA SER A 256 -0.85 -15.85 -14.52
C SER A 256 -1.78 -14.96 -13.73
N HIS A 257 -1.29 -14.06 -12.91
CA HIS A 257 -2.21 -13.16 -12.24
C HIS A 257 -2.52 -11.96 -13.07
N VAL A 258 -1.86 -11.77 -14.20
CA VAL A 258 -2.06 -10.54 -14.93
C VAL A 258 -2.40 -10.79 -16.39
N LYS A 259 -3.49 -10.15 -16.81
CA LYS A 259 -4.05 -10.20 -18.15
C LYS A 259 -4.01 -8.78 -18.77
N ASN A 260 -4.11 -8.69 -20.08
CA ASN A 260 -3.99 -7.40 -20.76
C ASN A 260 -2.57 -6.86 -20.73
N LEU A 261 -1.56 -7.73 -20.60
CA LEU A 261 -0.15 -7.26 -20.62
C LEU A 261 0.79 -8.13 -21.43
N ASP A 262 1.53 -7.46 -22.31
CA ASP A 262 2.42 -8.15 -23.24
C ASP A 262 3.75 -8.42 -22.57
N GLU A 263 4.64 -9.07 -23.32
CA GLU A 263 6.05 -9.28 -22.99
C GLU A 263 6.79 -8.10 -22.27
N ASN A 264 6.61 -6.87 -22.75
CA ASN A 264 7.35 -5.72 -22.23
C ASN A 264 6.79 -5.22 -20.89
N GLY A 265 5.48 -5.13 -20.86
CA GLY A 265 4.67 -4.87 -19.69
C GLY A 265 5.03 -5.82 -18.59
N LEU A 266 5.03 -7.11 -18.88
CA LEU A 266 5.41 -8.12 -17.89
C LEU A 266 6.84 -7.98 -17.44
N ASP A 267 7.73 -7.64 -18.35
CA ASP A 267 9.11 -7.38 -17.97
C ASP A 267 9.25 -6.20 -16.97
N LEU A 268 8.63 -5.08 -17.27
CA LEU A 268 8.75 -3.91 -16.41
C LEU A 268 8.14 -4.24 -15.05
N LEU A 269 6.95 -4.87 -15.05
CA LEU A 269 6.28 -5.27 -13.85
C LEU A 269 7.17 -6.17 -12.98
N SER A 270 7.89 -7.10 -13.60
CA SER A 270 8.65 -8.01 -12.76
C SER A 270 9.86 -7.30 -12.21
N LYS A 271 10.32 -6.26 -12.86
CA LYS A 271 11.40 -5.50 -12.26
C LYS A 271 10.97 -4.55 -11.13
N MET A 272 9.71 -4.14 -11.14
CA MET A 272 9.14 -3.34 -10.10
C MET A 272 8.86 -4.17 -8.88
N LEU A 273 8.75 -5.48 -9.08
CA LEU A 273 8.46 -6.41 -8.04
C LEU A 273 9.62 -7.30 -7.69
N ILE A 274 10.84 -6.94 -8.00
CA ILE A 274 11.96 -7.68 -7.44
C ILE A 274 12.01 -7.55 -5.90
N TYR A 275 12.34 -8.64 -5.25
CA TYR A 275 12.35 -8.73 -3.81
C TYR A 275 13.39 -7.82 -3.14
N ASP A 276 14.64 -7.97 -3.54
CA ASP A 276 15.73 -7.23 -2.93
C ASP A 276 15.57 -5.72 -3.23
N PRO A 277 15.33 -4.92 -2.19
CA PRO A 277 15.09 -3.51 -2.48
C PRO A 277 16.25 -2.85 -3.16
N ALA A 278 17.48 -3.28 -2.86
CA ALA A 278 18.68 -2.70 -3.50
C ALA A 278 18.75 -2.96 -4.99
N LYS A 279 18.10 -4.01 -5.53
CA LYS A 279 18.16 -4.34 -6.98
C LYS A 279 16.87 -4.03 -7.78
N ARG A 280 15.86 -3.52 -7.09
CA ARG A 280 14.58 -3.32 -7.75
C ARG A 280 14.75 -2.11 -8.63
N ILE A 281 14.02 -2.05 -9.72
CA ILE A 281 14.29 -1.01 -10.67
C ILE A 281 14.00 0.34 -9.95
N SER A 282 14.63 1.40 -10.43
CA SER A 282 14.46 2.72 -9.93
C SER A 282 13.49 3.38 -10.83
N GLY A 283 12.84 4.42 -10.33
CA GLY A 283 11.93 5.27 -11.11
C GLY A 283 12.52 5.80 -12.40
N LYS A 284 13.76 6.30 -12.37
CA LYS A 284 14.43 6.81 -13.57
C LYS A 284 14.57 5.70 -14.62
N MET A 285 15.02 4.52 -14.17
CA MET A 285 15.20 3.39 -15.08
C MET A 285 13.89 2.90 -15.65
N ALA A 286 12.84 2.86 -14.82
CA ALA A 286 11.53 2.46 -15.31
C ALA A 286 11.03 3.35 -16.44
N LEU A 287 11.33 4.65 -16.41
CA LEU A 287 10.87 5.58 -17.49
C LEU A 287 11.56 5.34 -18.84
N ASN A 288 12.72 4.69 -18.81
CA ASN A 288 13.44 4.32 -20.03
C ASN A 288 13.12 2.91 -20.54
N HIS A 289 12.16 2.24 -19.90
CA HIS A 289 11.85 0.90 -20.24
C HIS A 289 11.06 0.82 -21.57
N PRO A 290 11.39 -0.18 -22.42
CA PRO A 290 10.70 -0.29 -23.73
C PRO A 290 9.19 -0.43 -23.71
N TYR A 291 8.60 -0.83 -22.59
CA TYR A 291 7.13 -0.75 -22.42
C TYR A 291 6.55 0.61 -22.81
N PHE A 292 7.33 1.67 -22.63
CA PHE A 292 6.85 2.97 -22.95
C PHE A 292 7.23 3.49 -24.34
N ASN A 293 7.98 2.71 -25.12
CA ASN A 293 8.44 3.14 -26.46
C ASN A 293 7.31 3.54 -27.39
N ASP A 294 6.20 2.88 -27.28
CA ASP A 294 5.07 3.22 -28.14
C ASP A 294 4.04 4.11 -27.48
N LEU A 295 4.44 4.84 -26.44
CA LEU A 295 3.48 5.68 -25.75
C LEU A 295 2.94 6.84 -26.56
N ASP A 296 3.73 7.86 -26.85
CA ASP A 296 3.15 9.24 -27.02
C ASP A 296 2.12 9.36 -28.17
N GLN B 10 -17.24 -11.80 15.34
CA GLN B 10 -16.77 -13.12 15.79
C GLN B 10 -15.53 -13.62 14.97
N ILE B 11 -15.20 -14.90 15.04
CA ILE B 11 -13.99 -15.47 14.43
C ILE B 11 -14.02 -15.54 12.89
N TYR B 12 -12.90 -15.20 12.27
CA TYR B 12 -12.80 -15.22 10.81
C TYR B 12 -11.89 -16.37 10.38
N TYR B 13 -12.23 -17.01 9.27
CA TYR B 13 -11.45 -18.12 8.74
C TYR B 13 -11.06 -17.81 7.33
N SER B 14 -9.78 -17.89 7.03
CA SER B 14 -9.33 -17.61 5.69
C SER B 14 -9.73 -18.77 4.80
N ASP B 15 -9.59 -18.55 3.50
CA ASP B 15 -9.58 -19.63 2.53
C ASP B 15 -8.31 -20.48 2.77
N LYS B 16 -8.41 -21.75 2.39
CA LYS B 16 -7.27 -22.64 2.33
C LYS B 16 -6.34 -22.23 1.21
N TYR B 17 -5.02 -22.44 1.41
CA TYR B 17 -4.01 -22.27 0.36
C TYR B 17 -3.03 -23.45 0.50
N PHE B 18 -2.12 -23.65 -0.45
CA PHE B 18 -1.45 -24.94 -0.59
C PHE B 18 -0.03 -24.76 -1.03
N ASP B 19 0.78 -25.68 -0.58
CA ASP B 19 2.20 -25.80 -0.86
C ASP B 19 2.29 -27.03 -1.78
N GLU B 20 3.47 -27.42 -2.19
CA GLU B 20 3.65 -28.79 -2.64
C GLU B 20 3.48 -29.83 -1.52
N HIS B 21 3.70 -29.48 -0.25
CA HIS B 21 3.59 -30.45 0.86
C HIS B 21 2.49 -30.34 1.89
N TYR B 22 1.85 -29.19 2.01
CA TYR B 22 0.90 -28.94 3.09
C TYR B 22 -0.23 -28.12 2.53
N GLU B 23 -1.34 -28.14 3.26
CA GLU B 23 -2.39 -27.19 3.11
C GLU B 23 -2.41 -26.39 4.38
N TYR B 24 -2.93 -25.18 4.26
CA TYR B 24 -2.79 -24.15 5.23
C TYR B 24 -4.08 -23.34 5.32
N ARG B 25 -4.39 -22.83 6.49
CA ARG B 25 -5.31 -21.72 6.64
C ARG B 25 -4.85 -20.89 7.79
N HIS B 26 -5.47 -19.76 7.97
CA HIS B 26 -5.32 -19.01 9.21
C HIS B 26 -6.61 -18.47 9.68
N VAL B 27 -6.64 -18.06 10.95
CA VAL B 27 -7.84 -17.75 11.66
C VAL B 27 -7.64 -16.50 12.48
N MET B 28 -8.57 -15.54 12.43
CA MET B 28 -8.40 -14.26 13.07
C MET B 28 -9.32 -14.19 14.25
N LEU B 29 -8.73 -14.09 15.43
CA LEU B 29 -9.50 -13.91 16.67
C LEU B 29 -9.85 -12.45 16.87
N PRO B 30 -11.08 -12.17 17.35
CA PRO B 30 -11.44 -10.78 17.72
C PRO B 30 -10.69 -10.32 18.96
N ARG B 31 -10.56 -8.99 19.11
CA ARG B 31 -9.69 -8.38 20.12
C ARG B 31 -10.00 -8.73 21.57
N GLU B 32 -11.22 -9.19 21.86
CA GLU B 32 -11.56 -9.58 23.23
C GLU B 32 -10.99 -10.94 23.53
N LEU B 33 -11.29 -11.87 22.64
CA LEU B 33 -10.85 -13.27 22.70
C LEU B 33 -9.33 -13.48 22.63
N SER B 34 -8.64 -12.73 21.78
CA SER B 34 -7.18 -12.84 21.68
C SER B 34 -6.52 -12.29 22.93
N LYS B 35 -7.01 -11.15 23.41
CA LYS B 35 -6.53 -10.51 24.65
C LYS B 35 -6.50 -11.45 25.87
N GLN B 36 -7.39 -12.43 25.91
CA GLN B 36 -7.48 -13.35 27.03
C GLN B 36 -6.37 -14.39 27.06
N VAL B 37 -6.03 -14.97 25.90
CA VAL B 37 -5.13 -16.15 25.85
C VAL B 37 -3.82 -15.94 26.64
N PRO B 38 -3.52 -16.86 27.57
CA PRO B 38 -2.29 -16.72 28.35
C PRO B 38 -1.02 -17.01 27.55
N LYS B 39 -1.14 -17.95 26.60
CA LYS B 39 -0.01 -18.61 25.96
C LYS B 39 0.60 -17.67 24.94
N THR B 40 1.92 -17.51 25.03
CA THR B 40 2.68 -16.65 24.14
C THR B 40 3.25 -17.36 22.91
N HIS B 41 3.10 -18.68 22.84
CA HIS B 41 3.84 -19.48 21.89
C HIS B 41 2.90 -20.55 21.31
N LEU B 42 3.42 -21.52 20.55
CA LEU B 42 2.57 -22.44 19.83
C LEU B 42 1.75 -23.33 20.75
N MET B 43 0.59 -23.71 20.26
CA MET B 43 -0.48 -24.30 21.02
C MET B 43 -0.75 -25.69 20.49
N SER B 44 -1.24 -26.55 21.39
CA SER B 44 -1.69 -27.88 21.02
C SER B 44 -3.13 -27.77 20.58
N GLU B 45 -3.60 -28.81 19.89
CA GLU B 45 -5.00 -28.92 19.48
C GLU B 45 -6.02 -28.78 20.63
N GLU B 46 -5.66 -29.24 21.83
CA GLU B 46 -6.55 -29.07 22.99
C GLU B 46 -6.65 -27.60 23.27
N GLU B 47 -5.52 -26.90 23.21
CA GLU B 47 -5.52 -25.48 23.58
C GLU B 47 -6.29 -24.62 22.60
N TRP B 48 -6.13 -24.86 21.31
CA TRP B 48 -6.84 -24.00 20.38
C TRP B 48 -8.34 -24.41 20.24
N ARG B 49 -8.70 -25.58 20.74
CA ARG B 49 -10.10 -25.94 20.81
C ARG B 49 -10.83 -25.31 21.98
N ARG B 50 -10.14 -25.02 23.06
CA ARG B 50 -10.73 -24.25 24.14
C ARG B 50 -11.22 -22.89 23.70
N LEU B 51 -10.55 -22.33 22.69
CA LEU B 51 -10.82 -20.98 22.24
C LEU B 51 -11.99 -20.84 21.29
N GLY B 52 -12.49 -21.94 20.75
CA GLY B 52 -13.61 -21.86 19.83
C GLY B 52 -13.23 -22.08 18.38
N VAL B 53 -11.98 -22.46 18.13
CA VAL B 53 -11.57 -22.72 16.77
C VAL B 53 -12.06 -24.11 16.46
N GLN B 54 -12.72 -24.22 15.30
CA GLN B 54 -13.33 -25.42 14.82
C GLN B 54 -12.77 -25.69 13.44
N GLN B 55 -12.00 -26.76 13.33
CA GLN B 55 -11.54 -27.19 12.05
C GLN B 55 -11.58 -28.66 12.17
N SER B 56 -11.37 -29.34 11.06
CA SER B 56 -11.28 -30.79 11.08
C SER B 56 -10.07 -31.16 11.92
N LEU B 57 -9.78 -32.45 12.04
CA LEU B 57 -8.65 -32.91 12.81
C LEU B 57 -7.42 -32.85 11.94
N GLY B 58 -6.24 -32.83 12.56
CA GLY B 58 -4.93 -32.84 11.86
C GLY B 58 -4.31 -31.45 11.56
N TRP B 59 -5.01 -30.38 11.94
CA TRP B 59 -4.52 -29.01 11.73
C TRP B 59 -3.54 -28.63 12.84
N VAL B 60 -2.34 -28.18 12.45
CA VAL B 60 -1.28 -27.88 13.40
C VAL B 60 -0.98 -26.39 13.44
N HIS B 61 -1.02 -25.79 14.64
CA HIS B 61 -0.50 -24.45 14.87
C HIS B 61 1.03 -24.32 14.73
N TYR B 62 1.54 -23.83 13.60
CA TYR B 62 2.96 -24.07 13.21
C TYR B 62 3.85 -22.81 13.28
N MET B 63 3.24 -21.64 13.41
CA MET B 63 4.02 -20.41 13.49
C MET B 63 3.22 -19.23 13.97
N ILE B 64 3.96 -18.26 14.52
CA ILE B 64 3.44 -16.97 14.94
C ILE B 64 4.11 -15.82 14.17
N HIS B 65 3.29 -15.01 13.55
CA HIS B 65 3.74 -13.74 13.00
C HIS B 65 3.57 -12.75 14.13
N GLU B 66 4.69 -12.39 14.73
CA GLU B 66 4.76 -11.58 15.96
C GLU B 66 4.08 -10.21 15.83
N PRO B 67 4.12 -9.59 14.65
CA PRO B 67 3.34 -8.38 14.50
C PRO B 67 1.83 -8.59 14.59
N GLU B 68 1.30 -9.80 14.41
CA GLU B 68 -0.17 -10.03 14.50
C GLU B 68 -0.51 -11.28 15.34
N PRO B 69 -0.38 -11.18 16.65
CA PRO B 69 -0.49 -12.40 17.51
C PRO B 69 -1.89 -13.02 17.55
N HIS B 70 -2.90 -12.20 17.28
CA HIS B 70 -4.28 -12.67 17.11
C HIS B 70 -4.56 -13.52 15.86
N ILE B 71 -3.62 -13.60 14.95
CA ILE B 71 -3.73 -14.51 13.83
C ILE B 71 -3.02 -15.84 14.12
N LEU B 72 -3.77 -16.93 13.97
CA LEU B 72 -3.30 -18.28 14.20
C LEU B 72 -3.14 -18.98 12.88
N LEU B 73 -1.94 -19.47 12.63
CA LEU B 73 -1.58 -20.06 11.38
C LEU B 73 -1.46 -21.59 11.51
N PHE B 74 -2.21 -22.26 10.64
CA PHE B 74 -2.37 -23.68 10.69
C PHE B 74 -1.98 -24.28 9.39
N ARG B 75 -1.39 -25.46 9.52
CA ARG B 75 -0.92 -26.27 8.43
C ARG B 75 -1.46 -27.68 8.65
N ARG B 76 -1.35 -28.49 7.62
CA ARG B 76 -1.82 -29.86 7.64
C ARG B 76 -1.27 -30.58 6.42
N PRO B 77 -0.65 -31.77 6.62
CA PRO B 77 0.03 -32.27 5.41
C PRO B 77 -0.97 -32.74 4.35
N LEU B 78 -0.54 -32.71 3.11
CA LEU B 78 -1.27 -33.31 1.99
C LEU B 78 -0.96 -34.83 1.93
N PRO B 79 -1.90 -35.64 1.37
CA PRO B 79 -1.78 -37.11 1.12
C PRO B 79 -0.38 -37.65 0.75
#